data_5LAH
#
_entry.id   5LAH
#
_cell.length_a   1.000
_cell.length_b   1.000
_cell.length_c   1.000
_cell.angle_alpha   90.00
_cell.angle_beta   90.00
_cell.angle_gamma   90.00
#
_symmetry.space_group_name_H-M   'P 1'
#
_entity_poly.entity_id   1
_entity_poly.type   'polypeptide(L)'
_entity_poly.pdbx_seq_one_letter_code
;CYPGQPGCGHCSRPNYCEGARCESGFHDCGSDHWCDASGDRCCCA
;
_entity_poly.pdbx_strand_id   A
#
# COMPACT_ATOMS: atom_id res chain seq x y z
N CYS A 1 -2.73 6.13 4.96
CA CYS A 1 -3.89 5.89 5.80
C CYS A 1 -3.52 5.04 7.01
N TYR A 2 -4.35 5.10 8.05
CA TYR A 2 -4.10 4.34 9.27
C TYR A 2 -4.64 2.91 9.15
N PRO A 3 -4.05 2.00 9.93
CA PRO A 3 -4.45 0.59 9.93
C PRO A 3 -5.83 0.37 10.55
N GLY A 4 -6.87 0.57 9.73
CA GLY A 4 -8.23 0.39 10.21
C GLY A 4 -9.10 1.60 9.94
N GLN A 5 -8.62 2.49 9.07
CA GLN A 5 -9.37 3.70 8.72
C GLN A 5 -10.51 3.38 7.78
N PRO A 6 -11.54 4.24 7.76
CA PRO A 6 -12.72 4.06 6.91
C PRO A 6 -12.40 4.27 5.43
N GLY A 7 -12.05 3.19 4.75
CA GLY A 7 -11.73 3.28 3.33
C GLY A 7 -10.43 2.58 2.99
N CYS A 8 -9.52 2.52 3.96
CA CYS A 8 -8.23 1.88 3.76
C CYS A 8 -8.25 0.43 4.26
N GLY A 9 -7.21 -0.32 3.91
CA GLY A 9 -7.13 -1.71 4.33
C GLY A 9 -5.88 -2.39 3.82
N HIS A 10 -5.74 -3.68 4.14
CA HIS A 10 -4.58 -4.46 3.71
C HIS A 10 -4.61 -4.68 2.20
N CYS A 11 -3.57 -4.20 1.51
CA CYS A 11 -3.48 -4.35 0.07
C CYS A 11 -3.36 -5.81 -0.33
N SER A 12 -3.51 -6.10 -1.61
CA SER A 12 -3.42 -7.46 -2.12
C SER A 12 -3.04 -7.47 -3.59
N ARG A 13 -2.35 -8.54 -4.01
CA ARG A 13 -1.93 -8.67 -5.40
C ARG A 13 -3.02 -8.21 -6.36
N PRO A 14 -2.60 -7.62 -7.48
CA PRO A 14 -1.18 -7.42 -7.80
C PRO A 14 -0.53 -6.38 -6.91
N ASN A 15 -1.21 -6.02 -5.82
CA ASN A 15 -0.69 -5.04 -4.89
C ASN A 15 0.26 -5.68 -3.89
N TYR A 16 1.29 -4.94 -3.49
CA TYR A 16 2.28 -5.44 -2.54
C TYR A 16 2.73 -4.33 -1.60
N CYS A 17 3.66 -4.67 -0.71
CA CYS A 17 4.18 -3.70 0.25
C CYS A 17 5.35 -2.93 -0.34
N GLU A 18 5.37 -1.61 -0.11
CA GLU A 18 6.43 -0.76 -0.62
C GLU A 18 6.73 0.37 0.36
N GLY A 19 7.81 0.22 1.13
CA GLY A 19 8.18 1.24 2.09
C GLY A 19 9.04 2.32 1.48
N ALA A 20 9.30 2.21 0.18
CA ALA A 20 10.12 3.19 -0.53
C ALA A 20 9.40 3.71 -1.76
N ARG A 21 9.46 2.94 -2.85
CA ARG A 21 8.82 3.32 -4.09
C ARG A 21 8.52 2.08 -4.95
N CYS A 22 7.37 2.11 -5.62
CA CYS A 22 6.96 1.01 -6.48
C CYS A 22 7.90 0.85 -7.66
N GLU A 23 8.10 -0.40 -8.08
CA GLU A 23 8.99 -0.70 -9.20
C GLU A 23 8.45 -0.09 -10.50
N SER A 24 9.26 -0.12 -11.55
CA SER A 24 8.87 0.43 -12.84
C SER A 24 7.80 -0.43 -13.49
N GLY A 25 6.90 -0.98 -12.68
CA GLY A 25 5.83 -1.81 -13.19
C GLY A 25 4.57 -1.72 -12.36
N PHE A 26 4.66 -1.04 -11.23
CA PHE A 26 3.52 -0.88 -10.34
C PHE A 26 3.20 0.60 -10.11
N HIS A 27 2.16 0.85 -9.32
CA HIS A 27 1.76 2.23 -9.02
C HIS A 27 1.46 2.38 -7.52
N ASP A 28 1.98 3.46 -6.94
CA ASP A 28 1.76 3.73 -5.52
C ASP A 28 0.28 3.89 -5.21
N CYS A 29 -0.27 2.98 -4.41
CA CYS A 29 -1.67 3.03 -4.05
C CYS A 29 -1.84 3.06 -2.53
N GLY A 30 -0.81 3.53 -1.83
CA GLY A 30 -0.86 3.61 -0.39
C GLY A 30 -2.02 4.45 0.11
N SER A 31 -2.69 5.13 -0.81
CA SER A 31 -3.82 5.98 -0.45
C SER A 31 -4.77 5.25 0.49
N ASP A 32 -5.46 4.24 -0.03
CA ASP A 32 -6.40 3.46 0.76
C ASP A 32 -5.84 2.07 1.06
N HIS A 33 -4.52 1.97 1.12
CA HIS A 33 -3.86 0.70 1.40
C HIS A 33 -2.57 0.92 2.18
N TRP A 34 -2.47 0.28 3.33
CA TRP A 34 -1.28 0.40 4.17
C TRP A 34 -0.61 -0.96 4.37
N CYS A 35 0.60 -0.94 4.93
CA CYS A 35 1.34 -2.17 5.18
C CYS A 35 1.32 -2.53 6.67
N ASP A 36 1.78 -3.73 6.99
CA ASP A 36 1.81 -4.19 8.36
C ASP A 36 2.39 -3.12 9.28
N ALA A 37 3.41 -2.42 8.81
CA ALA A 37 4.05 -1.38 9.59
C ALA A 37 3.45 -0.01 9.26
N SER A 38 2.94 0.67 10.29
CA SER A 38 2.34 1.98 10.11
C SER A 38 3.34 2.97 9.52
N GLY A 39 3.55 2.87 8.21
CA GLY A 39 4.48 3.76 7.53
C GLY A 39 4.76 3.33 6.11
N ASP A 40 4.55 2.05 5.82
CA ASP A 40 4.79 1.51 4.49
C ASP A 40 3.54 1.64 3.63
N ARG A 41 3.72 2.13 2.40
CA ARG A 41 2.61 2.30 1.47
C ARG A 41 2.48 1.08 0.55
N CYS A 42 1.26 0.58 0.42
CA CYS A 42 1.00 -0.58 -0.43
C CYS A 42 0.90 -0.17 -1.89
N CYS A 43 1.66 -0.86 -2.75
CA CYS A 43 1.65 -0.56 -4.18
C CYS A 43 0.72 -1.50 -4.92
N CYS A 44 0.31 -1.10 -6.12
CA CYS A 44 -0.59 -1.90 -6.94
C CYS A 44 -0.12 -1.94 -8.40
N ALA A 45 -0.06 -3.14 -8.96
CA ALA A 45 0.38 -3.32 -10.34
C ALA A 45 -0.75 -2.98 -11.31
N CYS A 1 -3.92 7.57 5.36
CA CYS A 1 -4.97 6.79 6.01
C CYS A 1 -4.43 6.10 7.26
N TYR A 2 -5.32 5.46 8.01
CA TYR A 2 -4.94 4.76 9.22
C TYR A 2 -5.36 3.29 9.17
N PRO A 3 -4.70 2.46 9.98
CA PRO A 3 -4.99 1.02 10.04
C PRO A 3 -6.34 0.72 10.70
N GLY A 4 -7.41 0.88 9.92
CA GLY A 4 -8.74 0.64 10.43
C GLY A 4 -9.74 1.68 9.99
N GLN A 5 -9.28 2.62 9.16
CA GLN A 5 -10.15 3.67 8.66
C GLN A 5 -11.09 3.14 7.57
N PRO A 6 -12.23 3.82 7.40
CA PRO A 6 -13.23 3.44 6.41
C PRO A 6 -12.75 3.69 4.97
N GLY A 7 -11.96 2.75 4.45
CA GLY A 7 -11.45 2.89 3.10
C GLY A 7 -10.06 2.30 2.94
N CYS A 8 -9.28 2.33 4.03
CA CYS A 8 -7.93 1.80 4.01
C CYS A 8 -7.90 0.37 4.53
N GLY A 9 -6.86 -0.37 4.15
CA GLY A 9 -6.72 -1.75 4.59
C GLY A 9 -5.47 -2.42 4.04
N HIS A 10 -5.32 -3.70 4.33
CA HIS A 10 -4.16 -4.46 3.87
C HIS A 10 -4.20 -4.64 2.34
N CYS A 11 -3.15 -4.19 1.67
CA CYS A 11 -3.07 -4.31 0.23
C CYS A 11 -3.02 -5.77 -0.21
N SER A 12 -3.29 -6.01 -1.49
CA SER A 12 -3.30 -7.36 -2.03
C SER A 12 -2.97 -7.35 -3.52
N ARG A 13 -2.33 -8.43 -3.98
CA ARG A 13 -1.95 -8.55 -5.39
C ARG A 13 -3.07 -8.04 -6.28
N PRO A 14 -2.68 -7.44 -7.42
CA PRO A 14 -1.28 -7.26 -7.79
C PRO A 14 -0.57 -6.26 -6.89
N ASN A 15 -1.20 -5.90 -5.79
CA ASN A 15 -0.63 -4.94 -4.85
C ASN A 15 0.31 -5.65 -3.86
N TYR A 16 1.37 -4.95 -3.48
CA TYR A 16 2.34 -5.50 -2.53
C TYR A 16 2.87 -4.43 -1.59
N CYS A 17 3.80 -4.81 -0.72
CA CYS A 17 4.38 -3.89 0.23
C CYS A 17 5.54 -3.12 -0.39
N GLU A 18 5.58 -1.81 -0.15
CA GLU A 18 6.65 -0.97 -0.69
C GLU A 18 6.98 0.16 0.27
N GLY A 19 8.10 0.01 0.98
CA GLY A 19 8.53 1.02 1.93
C GLY A 19 9.50 2.01 1.33
N ALA A 20 9.59 2.02 0.00
CA ALA A 20 10.50 2.92 -0.70
C ALA A 20 9.85 3.48 -1.96
N ARG A 21 9.80 2.67 -3.01
CA ARG A 21 9.21 3.07 -4.28
C ARG A 21 8.77 1.86 -5.09
N CYS A 22 7.64 2.00 -5.77
CA CYS A 22 7.10 0.92 -6.59
C CYS A 22 8.06 0.57 -7.73
N GLU A 23 7.89 -0.63 -8.28
CA GLU A 23 8.74 -1.09 -9.37
C GLU A 23 8.35 -0.41 -10.69
N SER A 24 9.17 -0.61 -11.72
CA SER A 24 8.90 -0.01 -13.03
C SER A 24 7.71 -0.69 -13.70
N GLY A 25 6.70 -1.03 -12.90
CA GLY A 25 5.52 -1.68 -13.44
C GLY A 25 4.35 -1.64 -12.47
N PHE A 26 4.47 -0.81 -11.45
CA PHE A 26 3.40 -0.68 -10.44
C PHE A 26 3.12 0.78 -10.13
N HIS A 27 2.14 1.02 -9.26
CA HIS A 27 1.77 2.37 -8.88
C HIS A 27 1.53 2.46 -7.37
N ASP A 28 2.17 3.44 -6.74
CA ASP A 28 2.03 3.64 -5.29
C ASP A 28 0.57 3.88 -4.92
N CYS A 29 0.00 2.94 -4.16
CA CYS A 29 -1.39 3.05 -3.73
C CYS A 29 -1.48 3.12 -2.21
N GLY A 30 -0.42 3.59 -1.57
CA GLY A 30 -0.40 3.69 -0.12
C GLY A 30 -1.59 4.47 0.41
N SER A 31 -2.29 5.17 -0.48
CA SER A 31 -3.44 5.98 -0.09
C SER A 31 -4.32 5.20 0.89
N ASP A 32 -5.07 4.23 0.37
CA ASP A 32 -5.95 3.42 1.20
C ASP A 32 -5.38 2.02 1.39
N HIS A 33 -4.06 1.92 1.40
CA HIS A 33 -3.39 0.64 1.58
C HIS A 33 -2.08 0.81 2.36
N TRP A 34 -2.01 0.20 3.54
CA TRP A 34 -0.83 0.29 4.37
C TRP A 34 -0.20 -1.09 4.57
N CYS A 35 1.05 -1.10 5.04
CA CYS A 35 1.76 -2.36 5.28
C CYS A 35 1.75 -2.71 6.76
N ASP A 36 2.26 -3.90 7.08
CA ASP A 36 2.32 -4.36 8.46
C ASP A 36 2.92 -3.28 9.36
N ALA A 37 3.94 -2.60 8.86
CA ALA A 37 4.60 -1.55 9.62
C ALA A 37 3.99 -0.18 9.31
N SER A 38 3.48 0.48 10.35
CA SER A 38 2.87 1.80 10.19
C SER A 38 3.86 2.78 9.58
N GLY A 39 4.04 2.69 8.26
CA GLY A 39 4.95 3.59 7.58
C GLY A 39 5.24 3.15 6.15
N ASP A 40 5.03 1.87 5.88
CA ASP A 40 5.26 1.32 4.54
C ASP A 40 4.02 1.47 3.68
N ARG A 41 4.21 1.99 2.47
CA ARG A 41 3.11 2.19 1.53
C ARG A 41 2.98 1.00 0.58
N CYS A 42 1.77 0.46 0.48
CA CYS A 42 1.51 -0.68 -0.40
C CYS A 42 1.34 -0.23 -1.84
N CYS A 43 2.02 -0.90 -2.75
CA CYS A 43 1.95 -0.57 -4.17
C CYS A 43 0.93 -1.47 -4.88
N CYS A 44 0.48 -1.03 -6.06
CA CYS A 44 -0.48 -1.79 -6.84
C CYS A 44 -0.09 -1.81 -8.31
N ALA A 45 -0.08 -3.00 -8.90
CA ALA A 45 0.27 -3.16 -10.31
C ALA A 45 -0.90 -2.79 -11.21
N CYS A 1 -2.78 6.20 5.14
CA CYS A 1 -3.96 5.88 5.94
C CYS A 1 -3.58 5.00 7.14
N TYR A 2 -4.41 5.04 8.17
CA TYR A 2 -4.16 4.25 9.37
C TYR A 2 -4.70 2.84 9.22
N PRO A 3 -4.13 1.90 9.99
CA PRO A 3 -4.53 0.49 9.95
C PRO A 3 -5.92 0.27 10.54
N GLY A 4 -6.95 0.50 9.73
CA GLY A 4 -8.31 0.32 10.19
C GLY A 4 -9.18 1.53 9.92
N GLN A 5 -8.68 2.43 9.08
CA GLN A 5 -9.42 3.64 8.74
C GLN A 5 -10.54 3.32 7.76
N PRO A 6 -11.57 4.18 7.74
CA PRO A 6 -12.73 4.03 6.85
C PRO A 6 -12.37 4.28 5.38
N GLY A 7 -12.00 3.21 4.69
CA GLY A 7 -11.64 3.33 3.29
C GLY A 7 -10.34 2.61 2.96
N CYS A 8 -9.45 2.52 3.95
CA CYS A 8 -8.17 1.86 3.76
C CYS A 8 -8.22 0.41 4.22
N GLY A 9 -7.18 -0.35 3.92
CA GLY A 9 -7.12 -1.74 4.31
C GLY A 9 -5.89 -2.45 3.80
N HIS A 10 -5.76 -3.73 4.11
CA HIS A 10 -4.61 -4.52 3.68
C HIS A 10 -4.62 -4.72 2.17
N CYS A 11 -3.57 -4.25 1.52
CA CYS A 11 -3.44 -4.37 0.07
C CYS A 11 -3.36 -5.84 -0.34
N SER A 12 -3.54 -6.09 -1.64
CA SER A 12 -3.48 -7.45 -2.17
C SER A 12 -3.09 -7.44 -3.64
N ARG A 13 -2.42 -8.51 -4.08
CA ARG A 13 -1.99 -8.62 -5.47
C ARG A 13 -3.07 -8.14 -6.41
N PRO A 14 -2.65 -7.55 -7.55
CA PRO A 14 -1.23 -7.36 -7.86
C PRO A 14 -0.57 -6.33 -6.95
N ASN A 15 -1.26 -5.98 -5.87
CA ASN A 15 -0.74 -5.00 -4.91
C ASN A 15 0.20 -5.66 -3.91
N TYR A 16 1.23 -4.93 -3.51
CA TYR A 16 2.21 -5.45 -2.54
C TYR A 16 2.67 -4.35 -1.60
N CYS A 17 3.60 -4.70 -0.71
CA CYS A 17 4.13 -3.75 0.26
C CYS A 17 5.31 -2.97 -0.33
N GLU A 18 5.31 -1.66 -0.10
CA GLU A 18 6.38 -0.80 -0.61
C GLU A 18 6.66 0.34 0.36
N GLY A 19 7.75 0.19 1.13
CA GLY A 19 8.12 1.23 2.09
C GLY A 19 9.06 2.26 1.50
N ALA A 20 9.25 2.19 0.19
CA ALA A 20 10.13 3.14 -0.49
C ALA A 20 9.48 3.68 -1.77
N ARG A 21 9.43 2.84 -2.80
CA ARG A 21 8.84 3.23 -4.07
C ARG A 21 8.47 2.00 -4.90
N CYS A 22 7.35 2.08 -5.61
CA CYS A 22 6.90 0.97 -6.44
C CYS A 22 7.92 0.66 -7.54
N GLU A 23 8.06 -0.62 -7.85
CA GLU A 23 9.00 -1.07 -8.87
C GLU A 23 8.53 -0.65 -10.26
N SER A 24 9.44 -0.69 -11.24
CA SER A 24 9.12 -0.31 -12.60
C SER A 24 7.96 -1.15 -13.14
N GLY A 25 6.74 -0.68 -12.92
CA GLY A 25 5.56 -1.39 -13.39
C GLY A 25 4.38 -1.22 -12.46
N PHE A 26 4.65 -1.05 -11.17
CA PHE A 26 3.60 -0.88 -10.18
C PHE A 26 3.35 0.60 -9.89
N HIS A 27 2.25 0.88 -9.19
CA HIS A 27 1.90 2.25 -8.86
C HIS A 27 1.60 2.39 -7.37
N ASP A 28 2.06 3.48 -6.77
CA ASP A 28 1.84 3.73 -5.35
C ASP A 28 0.36 3.92 -5.06
N CYS A 29 -0.22 2.99 -4.30
CA CYS A 29 -1.63 3.05 -3.95
C CYS A 29 -1.82 3.10 -2.44
N GLY A 30 -0.80 3.61 -1.75
CA GLY A 30 -0.87 3.70 -0.30
C GLY A 30 -2.08 4.47 0.18
N SER A 31 -2.77 5.13 -0.76
CA SER A 31 -3.96 5.91 -0.42
C SER A 31 -4.86 5.14 0.55
N ASP A 32 -5.54 4.13 0.04
CA ASP A 32 -6.44 3.32 0.86
C ASP A 32 -5.84 1.93 1.10
N HIS A 33 -4.52 1.86 1.17
CA HIS A 33 -3.82 0.60 1.40
C HIS A 33 -2.53 0.82 2.18
N TRP A 34 -2.44 0.20 3.35
CA TRP A 34 -1.25 0.33 4.18
C TRP A 34 -0.59 -1.02 4.40
N CYS A 35 0.61 -1.00 4.97
CA CYS A 35 1.36 -2.22 5.23
C CYS A 35 1.36 -2.57 6.71
N ASP A 36 2.04 -3.65 7.07
CA ASP A 36 2.12 -4.08 8.46
C ASP A 36 2.38 -2.90 9.38
N ALA A 37 3.32 -2.05 8.98
CA ALA A 37 3.66 -0.87 9.78
C ALA A 37 2.95 0.37 9.25
N SER A 38 2.56 1.26 10.18
CA SER A 38 1.87 2.48 9.80
C SER A 38 2.82 3.46 9.13
N GLY A 39 3.64 2.96 8.21
CA GLY A 39 4.59 3.81 7.51
C GLY A 39 4.87 3.32 6.11
N ASP A 40 4.59 2.04 5.85
CA ASP A 40 4.81 1.46 4.54
C ASP A 40 3.56 1.56 3.68
N ARG A 41 3.73 2.07 2.46
CA ARG A 41 2.62 2.22 1.54
C ARG A 41 2.51 1.03 0.59
N CYS A 42 1.32 0.47 0.45
CA CYS A 42 1.10 -0.67 -0.42
C CYS A 42 0.98 -0.23 -1.88
N CYS A 43 1.73 -0.90 -2.75
CA CYS A 43 1.71 -0.57 -4.17
C CYS A 43 0.75 -1.50 -4.92
N CYS A 44 0.35 -1.07 -6.12
CA CYS A 44 -0.58 -1.86 -6.93
C CYS A 44 -0.11 -1.88 -8.39
N ALA A 45 -0.06 -3.07 -8.97
CA ALA A 45 0.35 -3.23 -10.36
C ALA A 45 -0.79 -2.89 -11.32
N CYS A 1 -2.69 6.39 5.08
CA CYS A 1 -3.79 5.97 5.95
C CYS A 1 -3.32 5.00 7.01
N TYR A 2 -3.98 5.00 8.16
CA TYR A 2 -3.63 4.11 9.25
C TYR A 2 -4.28 2.74 9.09
N PRO A 3 -3.71 1.73 9.76
CA PRO A 3 -4.23 0.35 9.70
C PRO A 3 -5.56 0.21 10.41
N GLY A 4 -6.64 0.60 9.73
CA GLY A 4 -7.96 0.50 10.31
C GLY A 4 -8.80 1.73 10.04
N GLN A 5 -8.24 2.68 9.31
CA GLN A 5 -8.96 3.91 8.98
C GLN A 5 -9.99 3.66 7.88
N PRO A 6 -11.03 4.52 7.85
CA PRO A 6 -12.10 4.41 6.85
C PRO A 6 -11.62 4.76 5.44
N GLY A 7 -11.70 3.81 4.53
CA GLY A 7 -11.28 4.03 3.17
C GLY A 7 -9.94 3.39 2.86
N CYS A 8 -9.39 2.68 3.84
CA CYS A 8 -8.10 2.02 3.66
C CYS A 8 -8.16 0.59 4.19
N GLY A 9 -7.29 -0.27 3.66
CA GLY A 9 -7.25 -1.65 4.10
C GLY A 9 -6.00 -2.37 3.63
N HIS A 10 -5.90 -3.66 3.96
CA HIS A 10 -4.74 -4.45 3.57
C HIS A 10 -4.72 -4.69 2.07
N CYS A 11 -3.66 -4.22 1.42
CA CYS A 11 -3.52 -4.38 -0.03
C CYS A 11 -3.42 -5.85 -0.41
N SER A 12 -3.54 -6.13 -1.70
CA SER A 12 -3.48 -7.51 -2.20
C SER A 12 -3.04 -7.53 -3.66
N ARG A 13 -2.36 -8.60 -4.05
CA ARG A 13 -1.89 -8.75 -5.43
C ARG A 13 -2.95 -8.28 -6.42
N PRO A 14 -2.50 -7.71 -7.54
CA PRO A 14 -1.06 -7.53 -7.82
C PRO A 14 -0.43 -6.48 -6.91
N ASN A 15 -1.15 -6.10 -5.86
CA ASN A 15 -0.65 -5.11 -4.91
C ASN A 15 0.25 -5.76 -3.87
N TYR A 16 1.29 -5.04 -3.46
CA TYR A 16 2.23 -5.54 -2.46
C TYR A 16 2.69 -4.42 -1.53
N CYS A 17 3.60 -4.76 -0.62
CA CYS A 17 4.13 -3.78 0.33
C CYS A 17 5.32 -3.04 -0.26
N GLU A 18 5.31 -1.72 -0.13
CA GLU A 18 6.40 -0.89 -0.65
C GLU A 18 6.60 0.34 0.23
N GLY A 19 7.78 0.43 0.84
CA GLY A 19 8.09 1.56 1.69
C GLY A 19 8.46 2.81 0.90
N ALA A 20 8.87 2.60 -0.35
CA ALA A 20 9.27 3.71 -1.21
C ALA A 20 8.54 3.65 -2.54
N ARG A 21 9.10 4.30 -3.55
CA ARG A 21 8.50 4.34 -4.88
C ARG A 21 8.46 2.93 -5.48
N CYS A 22 7.29 2.54 -5.97
CA CYS A 22 7.12 1.22 -6.58
C CYS A 22 8.14 0.99 -7.69
N GLU A 23 8.34 -0.27 -8.04
CA GLU A 23 9.30 -0.62 -9.09
C GLU A 23 8.75 -0.26 -10.46
N SER A 24 9.64 -0.15 -11.45
CA SER A 24 9.24 0.19 -12.80
C SER A 24 8.22 -0.80 -13.34
N GLY A 25 6.95 -0.58 -12.98
CA GLY A 25 5.88 -1.47 -13.43
C GLY A 25 4.63 -1.32 -12.60
N PHE A 26 4.80 -1.13 -11.29
CA PHE A 26 3.66 -0.98 -10.38
C PHE A 26 3.35 0.49 -10.13
N HIS A 27 2.33 0.74 -9.33
CA HIS A 27 1.93 2.11 -9.01
C HIS A 27 1.60 2.25 -7.52
N ASP A 28 2.16 3.27 -6.89
CA ASP A 28 1.92 3.51 -5.47
C ASP A 28 0.43 3.74 -5.20
N CYS A 29 -0.17 2.82 -4.46
CA CYS A 29 -1.58 2.93 -4.13
C CYS A 29 -1.78 3.02 -2.62
N GLY A 30 -0.76 3.50 -1.92
CA GLY A 30 -0.84 3.63 -0.48
C GLY A 30 -2.04 4.45 -0.04
N SER A 31 -2.69 5.12 -0.99
CA SER A 31 -3.84 5.94 -0.69
C SER A 31 -4.81 5.22 0.26
N ASP A 32 -5.48 4.21 -0.27
CA ASP A 32 -6.42 3.42 0.53
C ASP A 32 -5.87 2.03 0.83
N HIS A 33 -4.54 1.94 0.93
CA HIS A 33 -3.88 0.67 1.21
C HIS A 33 -2.61 0.88 2.01
N TRP A 34 -2.54 0.28 3.19
CA TRP A 34 -1.38 0.40 4.05
C TRP A 34 -0.71 -0.96 4.28
N CYS A 35 0.46 -0.94 4.90
CA CYS A 35 1.20 -2.17 5.17
C CYS A 35 1.13 -2.52 6.66
N ASP A 36 1.62 -3.70 6.99
CA ASP A 36 1.62 -4.17 8.38
C ASP A 36 2.16 -3.09 9.31
N ALA A 37 3.21 -2.39 8.86
CA ALA A 37 3.82 -1.33 9.64
C ALA A 37 3.24 0.03 9.28
N SER A 38 2.72 0.73 10.29
CA SER A 38 2.13 2.05 10.08
C SER A 38 3.15 3.01 9.49
N GLY A 39 3.37 2.90 8.18
CA GLY A 39 4.32 3.77 7.51
C GLY A 39 4.65 3.31 6.10
N ASP A 40 4.42 2.03 5.84
CA ASP A 40 4.69 1.46 4.52
C ASP A 40 3.46 1.56 3.63
N ARG A 41 3.66 2.04 2.41
CA ARG A 41 2.56 2.20 1.45
C ARG A 41 2.47 0.98 0.53
N CYS A 42 1.27 0.45 0.38
CA CYS A 42 1.04 -0.71 -0.48
C CYS A 42 0.96 -0.30 -1.95
N CYS A 43 1.75 -0.97 -2.78
CA CYS A 43 1.75 -0.67 -4.21
C CYS A 43 0.82 -1.61 -4.97
N CYS A 44 0.45 -1.21 -6.18
CA CYS A 44 -0.44 -2.00 -7.01
C CYS A 44 0.06 -2.06 -8.45
N ALA A 45 0.13 -3.28 -9.00
CA ALA A 45 0.59 -3.47 -10.36
C ALA A 45 -0.52 -3.15 -11.37
N CYS A 1 -2.84 6.50 5.30
CA CYS A 1 -3.99 6.08 6.07
C CYS A 1 -3.57 5.15 7.21
N TYR A 2 -4.37 5.13 8.27
CA TYR A 2 -4.09 4.29 9.43
C TYR A 2 -4.61 2.87 9.22
N PRO A 3 -4.04 1.92 9.96
CA PRO A 3 -4.45 0.51 9.87
C PRO A 3 -5.83 0.27 10.45
N GLY A 4 -6.86 0.49 9.64
CA GLY A 4 -8.23 0.29 10.09
C GLY A 4 -9.09 1.50 9.87
N GLN A 5 -8.58 2.46 9.09
CA GLN A 5 -9.33 3.68 8.80
C GLN A 5 -10.43 3.42 7.78
N PRO A 6 -11.47 4.26 7.81
CA PRO A 6 -12.61 4.14 6.89
C PRO A 6 -12.23 4.49 5.45
N GLY A 7 -11.70 3.51 4.72
CA GLY A 7 -11.31 3.74 3.35
C GLY A 7 -9.94 3.16 3.03
N CYS A 8 -9.34 2.48 4.01
CA CYS A 8 -8.03 1.87 3.83
C CYS A 8 -8.01 0.46 4.39
N GLY A 9 -7.15 -0.39 3.81
CA GLY A 9 -7.05 -1.76 4.26
C GLY A 9 -5.78 -2.43 3.76
N HIS A 10 -5.64 -3.72 4.08
CA HIS A 10 -4.47 -4.48 3.67
C HIS A 10 -4.47 -4.69 2.16
N CYS A 11 -3.42 -4.22 1.50
CA CYS A 11 -3.29 -4.36 0.06
C CYS A 11 -3.18 -5.82 -0.35
N SER A 12 -3.45 -6.10 -1.62
CA SER A 12 -3.38 -7.46 -2.14
C SER A 12 -2.98 -7.47 -3.60
N ARG A 13 -2.26 -8.51 -4.01
CA ARG A 13 -1.81 -8.65 -5.38
C ARG A 13 -2.89 -8.19 -6.36
N PRO A 14 -2.45 -7.60 -7.48
CA PRO A 14 -1.03 -7.38 -7.77
C PRO A 14 -0.40 -6.34 -6.85
N ASN A 15 -1.11 -5.99 -5.79
CA ASN A 15 -0.62 -5.01 -4.83
C ASN A 15 0.32 -5.65 -3.81
N TYR A 16 1.34 -4.91 -3.40
CA TYR A 16 2.32 -5.42 -2.43
C TYR A 16 2.76 -4.30 -1.49
N CYS A 17 3.76 -4.61 -0.67
CA CYS A 17 4.28 -3.64 0.28
C CYS A 17 5.46 -2.87 -0.32
N GLU A 18 5.46 -1.56 -0.12
CA GLU A 18 6.52 -0.70 -0.64
C GLU A 18 6.79 0.47 0.29
N GLY A 19 7.89 0.39 1.05
CA GLY A 19 8.24 1.45 1.97
C GLY A 19 9.16 2.48 1.35
N ALA A 20 9.42 2.33 0.05
CA ALA A 20 10.29 3.26 -0.66
C ALA A 20 9.60 3.83 -1.90
N ARG A 21 9.46 2.99 -2.93
CA ARG A 21 8.81 3.41 -4.16
C ARG A 21 8.41 2.20 -5.00
N CYS A 22 7.28 2.30 -5.68
CA CYS A 22 6.78 1.22 -6.52
C CYS A 22 7.82 0.81 -7.55
N GLU A 23 7.90 -0.49 -7.82
CA GLU A 23 8.86 -1.02 -8.79
C GLU A 23 8.45 -0.64 -10.21
N SER A 24 9.39 -0.79 -11.14
CA SER A 24 9.13 -0.46 -12.54
C SER A 24 7.94 -1.24 -13.07
N GLY A 25 6.75 -0.64 -12.96
CA GLY A 25 5.54 -1.29 -13.43
C GLY A 25 4.39 -1.14 -12.46
N PHE A 26 4.70 -0.91 -11.19
CA PHE A 26 3.69 -0.74 -10.17
C PHE A 26 3.37 0.73 -9.94
N HIS A 27 2.24 0.99 -9.29
CA HIS A 27 1.82 2.37 -9.02
C HIS A 27 1.52 2.55 -7.53
N ASP A 28 1.89 3.71 -7.00
CA ASP A 28 1.65 4.02 -5.59
C ASP A 28 0.16 4.08 -5.29
N CYS A 29 -0.32 3.16 -4.47
CA CYS A 29 -1.73 3.11 -4.10
C CYS A 29 -1.90 3.10 -2.59
N GLY A 30 -0.88 3.57 -1.88
CA GLY A 30 -0.94 3.61 -0.43
C GLY A 30 -2.12 4.40 0.09
N SER A 31 -2.80 5.10 -0.81
CA SER A 31 -3.95 5.92 -0.44
C SER A 31 -4.88 5.14 0.49
N ASP A 32 -5.51 4.10 -0.06
CA ASP A 32 -6.43 3.27 0.71
C ASP A 32 -5.82 1.90 1.01
N HIS A 33 -4.48 1.85 1.07
CA HIS A 33 -3.78 0.60 1.34
C HIS A 33 -2.50 0.86 2.11
N TRP A 34 -2.39 0.26 3.29
CA TRP A 34 -1.21 0.43 4.13
C TRP A 34 -0.51 -0.91 4.36
N CYS A 35 0.70 -0.86 4.91
CA CYS A 35 1.47 -2.06 5.18
C CYS A 35 1.46 -2.40 6.66
N ASP A 36 1.91 -3.59 6.99
CA ASP A 36 1.96 -4.04 8.38
C ASP A 36 2.52 -2.95 9.29
N ALA A 37 3.54 -2.25 8.81
CA ALA A 37 4.17 -1.19 9.57
C ALA A 37 3.57 0.16 9.22
N SER A 38 3.04 0.85 10.23
CA SER A 38 2.43 2.16 10.04
C SER A 38 3.43 3.14 9.43
N GLY A 39 3.65 3.03 8.12
CA GLY A 39 4.58 3.91 7.44
C GLY A 39 4.86 3.47 6.02
N ASP A 40 4.65 2.19 5.75
CA ASP A 40 4.89 1.64 4.41
C ASP A 40 3.63 1.74 3.55
N ARG A 41 3.80 2.24 2.33
CA ARG A 41 2.68 2.39 1.41
C ARG A 41 2.57 1.19 0.48
N CYS A 42 1.35 0.68 0.31
CA CYS A 42 1.10 -0.48 -0.54
C CYS A 42 1.05 -0.06 -2.01
N CYS A 43 1.83 -0.74 -2.85
CA CYS A 43 1.86 -0.44 -4.27
C CYS A 43 1.06 -1.46 -5.06
N CYS A 44 0.28 -0.99 -6.03
CA CYS A 44 -0.55 -1.86 -6.85
C CYS A 44 -0.03 -1.88 -8.29
N ALA A 45 0.06 -3.08 -8.86
CA ALA A 45 0.53 -3.23 -10.23
C ALA A 45 -0.57 -2.90 -11.23
N CYS A 1 -2.91 6.38 5.06
CA CYS A 1 -3.99 5.96 5.95
C CYS A 1 -3.48 5.03 7.03
N TYR A 2 -4.16 5.03 8.18
CA TYR A 2 -3.77 4.19 9.30
C TYR A 2 -4.36 2.79 9.16
N PRO A 3 -3.74 1.81 9.85
CA PRO A 3 -4.19 0.42 9.82
C PRO A 3 -5.52 0.22 10.54
N GLY A 4 -6.61 0.53 9.84
CA GLY A 4 -7.93 0.38 10.43
C GLY A 4 -8.83 1.56 10.15
N GLN A 5 -8.32 2.52 9.38
CA GLN A 5 -9.09 3.71 9.03
C GLN A 5 -10.13 3.40 7.96
N PRO A 6 -11.20 4.20 7.92
CA PRO A 6 -12.28 4.02 6.95
C PRO A 6 -11.84 4.37 5.52
N GLY A 7 -11.90 3.39 4.63
CA GLY A 7 -11.51 3.60 3.25
C GLY A 7 -10.13 3.04 2.95
N CYS A 8 -9.54 2.38 3.93
CA CYS A 8 -8.22 1.79 3.76
C CYS A 8 -8.18 0.38 4.32
N GLY A 9 -7.25 -0.42 3.80
CA GLY A 9 -7.12 -1.80 4.26
C GLY A 9 -5.85 -2.47 3.77
N HIS A 10 -5.68 -3.74 4.11
CA HIS A 10 -4.50 -4.49 3.70
C HIS A 10 -4.49 -4.72 2.19
N CYS A 11 -3.45 -4.23 1.52
CA CYS A 11 -3.33 -4.39 0.08
C CYS A 11 -3.21 -5.86 -0.31
N SER A 12 -3.39 -6.15 -1.59
CA SER A 12 -3.30 -7.52 -2.09
C SER A 12 -2.93 -7.54 -3.57
N ARG A 13 -2.23 -8.58 -3.98
CA ARG A 13 -1.81 -8.73 -5.37
C ARG A 13 -2.91 -8.29 -6.32
N PRO A 14 -2.52 -7.71 -7.46
CA PRO A 14 -1.11 -7.48 -7.79
C PRO A 14 -0.47 -6.42 -6.90
N ASN A 15 -1.16 -6.06 -5.83
CA ASN A 15 -0.66 -5.06 -4.89
C ASN A 15 0.30 -5.68 -3.88
N TYR A 16 1.31 -4.91 -3.48
CA TYR A 16 2.30 -5.39 -2.52
C TYR A 16 2.74 -4.26 -1.58
N CYS A 17 3.67 -4.58 -0.70
CA CYS A 17 4.18 -3.59 0.25
C CYS A 17 5.33 -2.79 -0.36
N GLU A 18 5.31 -1.47 -0.14
CA GLU A 18 6.34 -0.60 -0.67
C GLU A 18 6.61 0.56 0.29
N GLY A 19 7.70 0.47 1.05
CA GLY A 19 8.05 1.51 1.99
C GLY A 19 8.96 2.56 1.38
N ALA A 20 9.18 2.46 0.07
CA ALA A 20 10.04 3.41 -0.63
C ALA A 20 9.37 3.90 -1.91
N ARG A 21 9.39 3.06 -2.94
CA ARG A 21 8.78 3.40 -4.22
C ARG A 21 8.44 2.16 -5.02
N CYS A 22 7.34 2.21 -5.75
CA CYS A 22 6.90 1.08 -6.57
C CYS A 22 7.91 0.79 -7.68
N GLU A 23 7.87 -0.44 -8.21
CA GLU A 23 8.77 -0.83 -9.27
C GLU A 23 8.34 -0.25 -10.60
N SER A 24 9.19 -0.40 -11.62
CA SER A 24 8.88 0.12 -12.95
C SER A 24 7.77 -0.68 -13.62
N GLY A 25 6.77 -1.07 -12.83
CA GLY A 25 5.66 -1.83 -13.35
C GLY A 25 4.45 -1.81 -12.44
N PHE A 26 4.49 -0.94 -11.44
CA PHE A 26 3.39 -0.82 -10.48
C PHE A 26 3.04 0.64 -10.23
N HIS A 27 2.04 0.88 -9.39
CA HIS A 27 1.61 2.23 -9.07
C HIS A 27 1.31 2.36 -7.57
N ASP A 28 1.90 3.38 -6.95
CA ASP A 28 1.69 3.62 -5.53
C ASP A 28 0.20 3.80 -5.21
N CYS A 29 -0.35 2.88 -4.44
CA CYS A 29 -1.75 2.92 -4.07
C CYS A 29 -1.91 3.02 -2.55
N GLY A 30 -0.88 3.53 -1.89
CA GLY A 30 -0.92 3.67 -0.45
C GLY A 30 -2.12 4.46 0.02
N SER A 31 -2.80 5.10 -0.91
CA SER A 31 -3.98 5.91 -0.59
C SER A 31 -4.90 5.16 0.36
N ASP A 32 -5.55 4.12 -0.13
CA ASP A 32 -6.46 3.31 0.67
C ASP A 32 -5.87 1.94 0.97
N HIS A 33 -4.54 1.88 1.04
CA HIS A 33 -3.85 0.63 1.31
C HIS A 33 -2.56 0.87 2.10
N TRP A 34 -2.48 0.27 3.28
CA TRP A 34 -1.30 0.43 4.13
C TRP A 34 -0.61 -0.91 4.36
N CYS A 35 0.59 -0.87 4.93
CA CYS A 35 1.35 -2.08 5.20
C CYS A 35 1.34 -2.41 6.69
N ASP A 36 1.83 -3.59 7.03
CA ASP A 36 1.89 -4.03 8.43
C ASP A 36 2.41 -2.92 9.32
N ALA A 37 3.42 -2.19 8.84
CA ALA A 37 4.01 -1.10 9.60
C ALA A 37 3.36 0.23 9.24
N SER A 38 2.80 0.90 10.25
CA SER A 38 2.13 2.18 10.04
C SER A 38 3.11 3.19 9.43
N GLY A 39 3.33 3.09 8.12
CA GLY A 39 4.23 4.00 7.45
C GLY A 39 4.56 3.55 6.05
N ASP A 40 4.41 2.25 5.78
CA ASP A 40 4.69 1.70 4.47
C ASP A 40 3.46 1.76 3.57
N ARG A 41 3.63 2.27 2.36
CA ARG A 41 2.54 2.37 1.40
C ARG A 41 2.48 1.16 0.49
N CYS A 42 1.30 0.57 0.35
CA CYS A 42 1.12 -0.59 -0.51
C CYS A 42 0.98 -0.19 -1.97
N CYS A 43 1.73 -0.87 -2.83
CA CYS A 43 1.70 -0.57 -4.26
C CYS A 43 0.74 -1.52 -4.98
N CYS A 44 0.34 -1.13 -6.18
CA CYS A 44 -0.58 -1.93 -6.98
C CYS A 44 -0.13 -1.99 -8.44
N ALA A 45 -0.06 -3.19 -8.99
CA ALA A 45 0.36 -3.38 -10.37
C ALA A 45 -0.79 -3.09 -11.33
N CYS A 1 -2.83 6.23 5.01
CA CYS A 1 -3.98 5.92 5.83
C CYS A 1 -3.58 5.08 7.04
N TYR A 2 -4.42 5.12 8.08
CA TYR A 2 -4.14 4.37 9.30
C TYR A 2 -4.63 2.93 9.18
N PRO A 3 -4.03 2.02 9.95
CA PRO A 3 -4.39 0.61 9.96
C PRO A 3 -5.76 0.35 10.57
N GLY A 4 -6.81 0.57 9.79
CA GLY A 4 -8.16 0.36 10.28
C GLY A 4 -9.06 1.54 9.98
N GLN A 5 -8.61 2.44 9.12
CA GLN A 5 -9.39 3.62 8.75
C GLN A 5 -10.53 3.25 7.80
N PRO A 6 -11.58 4.08 7.78
CA PRO A 6 -12.74 3.87 6.93
C PRO A 6 -12.42 4.08 5.45
N GLY A 7 -12.02 3.00 4.78
CA GLY A 7 -11.69 3.11 3.36
C GLY A 7 -10.38 2.42 3.02
N CYS A 8 -9.46 2.38 4.00
CA CYS A 8 -8.16 1.76 3.80
C CYS A 8 -8.17 0.32 4.30
N GLY A 9 -7.09 -0.40 4.00
CA GLY A 9 -7.00 -1.79 4.42
C GLY A 9 -5.75 -2.47 3.89
N HIS A 10 -5.58 -3.75 4.22
CA HIS A 10 -4.43 -4.51 3.78
C HIS A 10 -4.45 -4.71 2.27
N CYS A 11 -3.40 -4.25 1.60
CA CYS A 11 -3.30 -4.38 0.14
C CYS A 11 -3.22 -5.85 -0.27
N SER A 12 -3.47 -6.10 -1.55
CA SER A 12 -3.42 -7.47 -2.06
C SER A 12 -3.06 -7.48 -3.54
N ARG A 13 -2.36 -8.52 -3.97
CA ARG A 13 -1.94 -8.64 -5.36
C ARG A 13 -3.05 -8.18 -6.31
N PRO A 14 -2.65 -7.58 -7.44
CA PRO A 14 -1.23 -7.36 -7.76
C PRO A 14 -0.58 -6.33 -6.86
N ASN A 15 -1.26 -5.99 -5.77
CA ASN A 15 -0.74 -5.01 -4.82
C ASN A 15 0.22 -5.66 -3.83
N TYR A 16 1.25 -4.92 -3.44
CA TYR A 16 2.23 -5.43 -2.49
C TYR A 16 2.70 -4.32 -1.55
N CYS A 17 3.69 -4.65 -0.71
CA CYS A 17 4.22 -3.68 0.24
C CYS A 17 5.41 -2.92 -0.37
N GLU A 18 5.43 -1.61 -0.14
CA GLU A 18 6.50 -0.77 -0.65
C GLU A 18 6.80 0.38 0.30
N GLY A 19 8.00 0.37 0.87
CA GLY A 19 8.40 1.42 1.80
C GLY A 19 9.29 2.46 1.15
N ALA A 20 9.48 2.35 -0.16
CA ALA A 20 10.31 3.28 -0.90
C ALA A 20 9.57 3.84 -2.11
N ARG A 21 9.41 3.01 -3.14
CA ARG A 21 8.72 3.41 -4.35
C ARG A 21 8.27 2.20 -5.16
N CYS A 22 7.12 2.32 -5.82
CA CYS A 22 6.58 1.24 -6.63
C CYS A 22 7.59 0.80 -7.69
N GLU A 23 7.61 -0.50 -7.96
CA GLU A 23 8.52 -1.07 -8.96
C GLU A 23 8.10 -0.66 -10.36
N SER A 24 9.01 -0.85 -11.32
CA SER A 24 8.74 -0.50 -12.70
C SER A 24 7.50 -1.22 -13.22
N GLY A 25 6.35 -0.58 -13.11
CA GLY A 25 5.11 -1.17 -13.56
C GLY A 25 3.99 -1.05 -12.54
N PHE A 26 4.36 -0.83 -11.29
CA PHE A 26 3.38 -0.69 -10.22
C PHE A 26 3.07 0.79 -9.95
N HIS A 27 1.95 1.03 -9.27
CA HIS A 27 1.54 2.40 -8.96
C HIS A 27 1.27 2.56 -7.47
N ASP A 28 1.67 3.70 -6.93
CA ASP A 28 1.48 3.98 -5.50
C ASP A 28 -0.01 4.08 -5.17
N CYS A 29 -0.49 3.14 -4.37
CA CYS A 29 -1.89 3.11 -3.98
C CYS A 29 -2.03 3.16 -2.46
N GLY A 30 -1.02 3.71 -1.80
CA GLY A 30 -1.04 3.81 -0.35
C GLY A 30 -2.28 4.53 0.17
N SER A 31 -3.01 5.16 -0.75
CA SER A 31 -4.21 5.89 -0.38
C SER A 31 -5.06 5.09 0.60
N ASP A 32 -5.69 4.02 0.10
CA ASP A 32 -6.52 3.18 0.94
C ASP A 32 -5.87 1.82 1.15
N HIS A 33 -4.54 1.80 1.19
CA HIS A 33 -3.79 0.56 1.39
C HIS A 33 -2.49 0.83 2.13
N TRP A 34 -2.36 0.23 3.31
CA TRP A 34 -1.16 0.40 4.13
C TRP A 34 -0.46 -0.93 4.35
N CYS A 35 0.75 -0.88 4.90
CA CYS A 35 1.52 -2.08 5.18
C CYS A 35 1.51 -2.41 6.67
N ASP A 36 2.01 -3.59 7.01
CA ASP A 36 2.06 -4.03 8.39
C ASP A 36 2.66 -2.94 9.29
N ALA A 37 3.67 -2.26 8.77
CA ALA A 37 4.33 -1.19 9.53
C ALA A 37 3.72 0.17 9.19
N SER A 38 3.25 0.87 10.21
CA SER A 38 2.65 2.19 10.03
C SER A 38 3.63 3.15 9.38
N GLY A 39 3.82 3.01 8.07
CA GLY A 39 4.74 3.88 7.35
C GLY A 39 4.99 3.42 5.93
N ASP A 40 4.76 2.13 5.68
CA ASP A 40 4.96 1.57 4.36
C ASP A 40 3.69 1.67 3.52
N ARG A 41 3.82 2.19 2.31
CA ARG A 41 2.68 2.34 1.41
C ARG A 41 2.56 1.14 0.47
N CYS A 42 1.35 0.61 0.34
CA CYS A 42 1.11 -0.54 -0.53
C CYS A 42 1.01 -0.09 -1.99
N CYS A 43 1.75 -0.77 -2.86
CA CYS A 43 1.75 -0.46 -4.29
C CYS A 43 0.92 -1.47 -5.06
N CYS A 44 0.10 -0.99 -5.99
CA CYS A 44 -0.74 -1.85 -6.80
C CYS A 44 -0.27 -1.85 -8.26
N ALA A 45 -0.19 -3.05 -8.83
CA ALA A 45 0.25 -3.19 -10.22
C ALA A 45 -0.89 -2.86 -11.19
N CYS A 1 -2.84 6.32 4.89
CA CYS A 1 -3.97 5.93 5.72
C CYS A 1 -3.52 5.06 6.89
N TYR A 2 -4.29 5.08 7.97
CA TYR A 2 -3.97 4.30 9.15
C TYR A 2 -4.55 2.89 9.06
N PRO A 3 -4.04 1.98 9.90
CA PRO A 3 -4.50 0.59 9.93
C PRO A 3 -5.91 0.45 10.49
N GLY A 4 -6.87 0.27 9.59
CA GLY A 4 -8.25 0.12 10.02
C GLY A 4 -9.07 1.38 9.77
N GLN A 5 -8.56 2.25 8.91
CA GLN A 5 -9.25 3.50 8.60
C GLN A 5 -10.43 3.25 7.67
N PRO A 6 -11.38 4.20 7.65
CA PRO A 6 -12.58 4.10 6.81
C PRO A 6 -12.27 4.26 5.33
N GLY A 7 -11.99 3.14 4.67
CA GLY A 7 -11.68 3.19 3.25
C GLY A 7 -10.37 2.48 2.92
N CYS A 8 -9.47 2.43 3.91
CA CYS A 8 -8.18 1.78 3.72
C CYS A 8 -8.22 0.34 4.21
N GLY A 9 -7.16 -0.41 3.89
CA GLY A 9 -7.09 -1.80 4.31
C GLY A 9 -5.83 -2.49 3.81
N HIS A 10 -5.69 -3.77 4.13
CA HIS A 10 -4.53 -4.55 3.72
C HIS A 10 -4.53 -4.74 2.21
N CYS A 11 -3.46 -4.27 1.55
CA CYS A 11 -3.32 -4.39 0.11
C CYS A 11 -3.24 -5.86 -0.31
N SER A 12 -3.46 -6.11 -1.59
CA SER A 12 -3.40 -7.47 -2.12
C SER A 12 -2.97 -7.47 -3.59
N ARG A 13 -2.26 -8.52 -3.98
CA ARG A 13 -1.77 -8.63 -5.35
C ARG A 13 -2.83 -8.17 -6.35
N PRO A 14 -2.37 -7.56 -7.45
CA PRO A 14 -0.94 -7.36 -7.72
C PRO A 14 -0.32 -6.33 -6.79
N ASN A 15 -1.05 -5.99 -5.73
CA ASN A 15 -0.57 -5.01 -4.75
C ASN A 15 0.35 -5.66 -3.73
N TYR A 16 1.36 -4.93 -3.30
CA TYR A 16 2.32 -5.45 -2.31
C TYR A 16 2.77 -4.35 -1.36
N CYS A 17 3.73 -4.66 -0.51
CA CYS A 17 4.26 -3.70 0.45
C CYS A 17 5.44 -2.94 -0.12
N GLU A 18 5.45 -1.62 0.07
CA GLU A 18 6.53 -0.79 -0.42
C GLU A 18 6.79 0.38 0.52
N GLY A 19 7.89 0.31 1.26
CA GLY A 19 8.24 1.36 2.20
C GLY A 19 9.17 2.40 1.58
N ALA A 20 9.44 2.25 0.29
CA ALA A 20 10.31 3.18 -0.41
C ALA A 20 9.61 3.77 -1.64
N ARG A 21 9.50 2.97 -2.69
CA ARG A 21 8.86 3.42 -3.92
C ARG A 21 8.48 2.23 -4.80
N CYS A 22 7.33 2.33 -5.46
CA CYS A 22 6.86 1.26 -6.33
C CYS A 22 7.90 0.94 -7.41
N GLU A 23 7.99 -0.34 -7.76
CA GLU A 23 8.94 -0.79 -8.77
C GLU A 23 8.54 -0.29 -10.14
N SER A 24 9.51 -0.23 -11.06
CA SER A 24 9.25 0.23 -12.42
C SER A 24 8.16 -0.60 -13.08
N GLY A 25 6.90 -0.26 -12.77
CA GLY A 25 5.78 -0.99 -13.35
C GLY A 25 4.54 -0.91 -12.48
N PHE A 26 4.74 -0.69 -11.18
CA PHE A 26 3.62 -0.59 -10.25
C PHE A 26 3.24 0.86 -10.00
N HIS A 27 2.22 1.06 -9.18
CA HIS A 27 1.75 2.41 -8.86
C HIS A 27 1.44 2.54 -7.37
N ASP A 28 1.90 3.62 -6.77
CA ASP A 28 1.67 3.86 -5.35
C ASP A 28 0.18 4.01 -5.06
N CYS A 29 -0.34 3.08 -4.25
CA CYS A 29 -1.76 3.10 -3.90
C CYS A 29 -1.94 3.17 -2.39
N GLY A 30 -0.96 3.74 -1.70
CA GLY A 30 -1.03 3.86 -0.26
C GLY A 30 -2.28 4.55 0.21
N SER A 31 -2.99 5.19 -0.73
CA SER A 31 -4.23 5.90 -0.41
C SER A 31 -5.08 5.08 0.57
N ASP A 32 -5.70 4.03 0.06
CA ASP A 32 -6.54 3.17 0.89
C ASP A 32 -5.89 1.80 1.10
N HIS A 33 -4.56 1.79 1.16
CA HIS A 33 -3.82 0.55 1.35
C HIS A 33 -2.53 0.81 2.14
N TRP A 34 -2.43 0.21 3.32
CA TRP A 34 -1.26 0.37 4.16
C TRP A 34 -0.57 -0.98 4.40
N CYS A 35 0.61 -0.93 5.01
CA CYS A 35 1.37 -2.14 5.30
C CYS A 35 1.29 -2.49 6.78
N ASP A 36 1.76 -3.68 7.13
CA ASP A 36 1.76 -4.14 8.52
C ASP A 36 2.31 -3.07 9.45
N ALA A 37 3.36 -2.38 8.99
CA ALA A 37 3.99 -1.33 9.79
C ALA A 37 3.41 0.04 9.43
N SER A 38 2.87 0.73 10.43
CA SER A 38 2.29 2.05 10.22
C SER A 38 3.32 3.01 9.64
N GLY A 39 3.56 2.89 8.33
CA GLY A 39 4.53 3.77 7.68
C GLY A 39 4.82 3.32 6.26
N ASP A 40 4.58 2.04 5.98
CA ASP A 40 4.84 1.50 4.65
C ASP A 40 3.60 1.61 3.77
N ARG A 41 3.78 2.11 2.56
CA ARG A 41 2.67 2.28 1.62
C ARG A 41 2.57 1.08 0.68
N CYS A 42 1.36 0.57 0.49
CA CYS A 42 1.14 -0.57 -0.39
C CYS A 42 1.10 -0.13 -1.85
N CYS A 43 1.89 -0.79 -2.69
CA CYS A 43 1.94 -0.47 -4.11
C CYS A 43 1.14 -1.47 -4.93
N CYS A 44 0.34 -0.97 -5.87
CA CYS A 44 -0.47 -1.83 -6.72
C CYS A 44 0.05 -1.83 -8.15
N ALA A 45 0.16 -3.02 -8.73
CA ALA A 45 0.65 -3.17 -10.10
C ALA A 45 -0.45 -2.83 -11.10
N CYS A 1 -2.62 6.20 4.98
CA CYS A 1 -3.80 5.95 5.79
C CYS A 1 -3.45 5.10 7.02
N TYR A 2 -4.28 5.18 8.03
CA TYR A 2 -4.06 4.42 9.27
C TYR A 2 -4.61 3.00 9.13
N PRO A 3 -4.05 2.07 9.92
CA PRO A 3 -4.46 0.66 9.91
C PRO A 3 -5.85 0.47 10.51
N GLY A 4 -6.88 0.73 9.72
CA GLY A 4 -8.24 0.58 10.19
C GLY A 4 -9.10 1.80 9.90
N GLN A 5 -8.60 2.68 9.03
CA GLN A 5 -9.33 3.88 8.68
C GLN A 5 -10.47 3.56 7.72
N PRO A 6 -11.49 4.44 7.70
CA PRO A 6 -12.66 4.27 6.83
C PRO A 6 -12.33 4.48 5.37
N GLY A 7 -11.99 3.39 4.68
CA GLY A 7 -11.65 3.46 3.27
C GLY A 7 -10.36 2.75 2.94
N CYS A 8 -9.47 2.67 3.92
CA CYS A 8 -8.18 2.01 3.73
C CYS A 8 -8.23 0.57 4.22
N GLY A 9 -7.19 -0.20 3.90
CA GLY A 9 -7.14 -1.59 4.32
C GLY A 9 -5.90 -2.31 3.80
N HIS A 10 -5.79 -3.59 4.13
CA HIS A 10 -4.65 -4.39 3.68
C HIS A 10 -4.69 -4.61 2.17
N CYS A 11 -3.63 -4.18 1.49
CA CYS A 11 -3.55 -4.33 0.04
C CYS A 11 -3.53 -5.80 -0.35
N SER A 12 -3.69 -6.07 -1.64
CA SER A 12 -3.69 -7.43 -2.15
C SER A 12 -3.26 -7.46 -3.61
N ARG A 13 -2.59 -8.55 -4.00
CA ARG A 13 -2.12 -8.70 -5.38
C ARG A 13 -3.16 -8.20 -6.37
N PRO A 14 -2.69 -7.64 -7.49
CA PRO A 14 -1.26 -7.50 -7.76
C PRO A 14 -0.59 -6.48 -6.86
N ASN A 15 -1.28 -6.09 -5.79
CA ASN A 15 -0.76 -5.12 -4.83
C ASN A 15 0.12 -5.80 -3.79
N TYR A 16 1.18 -5.11 -3.38
CA TYR A 16 2.10 -5.66 -2.39
C TYR A 16 2.61 -4.56 -1.46
N CYS A 17 3.56 -4.92 -0.59
CA CYS A 17 4.13 -3.96 0.34
C CYS A 17 5.33 -3.26 -0.26
N GLU A 18 5.36 -1.93 -0.14
CA GLU A 18 6.46 -1.14 -0.69
C GLU A 18 6.72 0.10 0.18
N GLY A 19 7.90 0.14 0.79
CA GLY A 19 8.26 1.26 1.63
C GLY A 19 8.72 2.47 0.84
N ALA A 20 9.06 2.25 -0.42
CA ALA A 20 9.52 3.32 -1.29
C ALA A 20 8.73 3.36 -2.60
N ARG A 21 9.28 4.01 -3.61
CA ARG A 21 8.63 4.12 -4.90
C ARG A 21 8.48 2.75 -5.56
N CYS A 22 7.28 2.44 -6.02
CA CYS A 22 7.01 1.17 -6.66
C CYS A 22 7.98 0.91 -7.81
N GLU A 23 8.12 -0.36 -8.20
CA GLU A 23 9.02 -0.73 -9.28
C GLU A 23 8.46 -0.30 -10.63
N SER A 24 9.34 -0.17 -11.62
CA SER A 24 8.94 0.24 -12.96
C SER A 24 7.86 -0.69 -13.51
N GLY A 25 6.62 -0.46 -13.09
CA GLY A 25 5.52 -1.28 -13.55
C GLY A 25 4.29 -1.18 -12.66
N PHE A 26 4.53 -0.99 -11.37
CA PHE A 26 3.45 -0.87 -10.41
C PHE A 26 3.10 0.60 -10.15
N HIS A 27 2.09 0.82 -9.31
CA HIS A 27 1.67 2.17 -8.97
C HIS A 27 1.39 2.31 -7.48
N ASP A 28 1.96 3.33 -6.86
CA ASP A 28 1.77 3.57 -5.44
C ASP A 28 0.30 3.81 -5.11
N CYS A 29 -0.29 2.90 -4.36
CA CYS A 29 -1.70 3.01 -3.98
C CYS A 29 -1.85 3.12 -2.46
N GLY A 30 -0.82 3.64 -1.81
CA GLY A 30 -0.84 3.78 -0.37
C GLY A 30 -2.07 4.54 0.11
N SER A 31 -2.76 5.19 -0.81
CA SER A 31 -3.95 5.97 -0.47
C SER A 31 -4.83 5.22 0.51
N ASP A 32 -5.51 4.19 0.03
CA ASP A 32 -6.38 3.38 0.87
C ASP A 32 -5.80 1.99 1.08
N HIS A 33 -4.48 1.91 1.12
CA HIS A 33 -3.79 0.63 1.32
C HIS A 33 -2.49 0.83 2.08
N TRP A 34 -2.40 0.24 3.27
CA TRP A 34 -1.22 0.35 4.09
C TRP A 34 -0.58 -1.03 4.32
N CYS A 35 0.60 -1.03 4.93
CA CYS A 35 1.31 -2.28 5.21
C CYS A 35 1.24 -2.62 6.70
N ASP A 36 1.68 -3.82 7.03
CA ASP A 36 1.67 -4.28 8.42
C ASP A 36 2.28 -3.22 9.34
N ALA A 37 3.33 -2.57 8.88
CA ALA A 37 3.99 -1.53 9.66
C ALA A 37 3.47 -0.15 9.31
N SER A 38 2.97 0.56 10.31
CA SER A 38 2.43 1.91 10.10
C SER A 38 3.49 2.84 9.50
N GLY A 39 3.69 2.71 8.20
CA GLY A 39 4.68 3.54 7.52
C GLY A 39 4.95 3.08 6.10
N ASP A 40 4.67 1.81 5.83
CA ASP A 40 4.90 1.25 4.51
C ASP A 40 3.65 1.39 3.64
N ARG A 41 3.83 1.86 2.41
CA ARG A 41 2.73 2.05 1.48
C ARG A 41 2.60 0.86 0.54
N CYS A 42 1.38 0.35 0.38
CA CYS A 42 1.12 -0.78 -0.49
C CYS A 42 1.05 -0.35 -1.95
N CYS A 43 1.84 -0.98 -2.81
CA CYS A 43 1.86 -0.66 -4.23
C CYS A 43 1.02 -1.65 -5.02
N CYS A 44 0.22 -1.12 -5.96
CA CYS A 44 -0.64 -1.95 -6.79
C CYS A 44 -0.14 -1.99 -8.23
N ALA A 45 -0.06 -3.20 -8.78
CA ALA A 45 0.41 -3.36 -10.16
C ALA A 45 -0.70 -3.05 -11.15
N CYS A 1 -3.80 7.58 5.31
CA CYS A 1 -4.86 6.83 5.97
C CYS A 1 -4.34 6.11 7.21
N TYR A 2 -5.24 5.47 7.95
CA TYR A 2 -4.86 4.76 9.16
C TYR A 2 -5.33 3.30 9.10
N PRO A 3 -4.69 2.44 9.89
CA PRO A 3 -5.01 1.02 9.94
C PRO A 3 -6.36 0.75 10.59
N GLY A 4 -7.44 0.95 9.82
CA GLY A 4 -8.77 0.73 10.35
C GLY A 4 -9.75 1.81 9.90
N GLN A 5 -9.27 2.75 9.09
CA GLN A 5 -10.11 3.83 8.60
C GLN A 5 -11.06 3.34 7.51
N PRO A 6 -12.18 4.05 7.35
CA PRO A 6 -13.19 3.71 6.35
C PRO A 6 -12.71 3.94 4.92
N GLY A 7 -11.97 2.98 4.38
CA GLY A 7 -11.46 3.11 3.03
C GLY A 7 -10.08 2.50 2.87
N CYS A 8 -9.30 2.49 3.95
CA CYS A 8 -7.96 1.93 3.93
C CYS A 8 -7.96 0.50 4.44
N GLY A 9 -6.93 -0.26 4.07
CA GLY A 9 -6.83 -1.64 4.50
C GLY A 9 -5.61 -2.33 3.94
N HIS A 10 -5.48 -3.63 4.21
CA HIS A 10 -4.34 -4.41 3.73
C HIS A 10 -4.43 -4.60 2.22
N CYS A 11 -3.38 -4.16 1.52
CA CYS A 11 -3.33 -4.27 0.07
C CYS A 11 -3.32 -5.73 -0.36
N SER A 12 -3.56 -5.97 -1.65
CA SER A 12 -3.58 -7.32 -2.19
C SER A 12 -3.17 -7.34 -3.65
N ARG A 13 -2.52 -8.42 -4.07
CA ARG A 13 -2.07 -8.55 -5.46
C ARG A 13 -3.13 -8.00 -6.42
N PRO A 14 -2.66 -7.42 -7.53
CA PRO A 14 -1.22 -7.30 -7.83
C PRO A 14 -0.52 -6.32 -6.91
N ASN A 15 -1.20 -5.95 -5.83
CA ASN A 15 -0.64 -5.01 -4.86
C ASN A 15 0.23 -5.73 -3.84
N TYR A 16 1.31 -5.08 -3.42
CA TYR A 16 2.23 -5.67 -2.45
C TYR A 16 2.77 -4.60 -1.51
N CYS A 17 3.72 -4.99 -0.66
CA CYS A 17 4.32 -4.07 0.29
C CYS A 17 5.55 -3.37 -0.31
N GLU A 18 5.59 -2.06 -0.18
CA GLU A 18 6.70 -1.28 -0.71
C GLU A 18 7.00 -0.08 0.17
N GLY A 19 8.20 -0.06 0.76
CA GLY A 19 8.57 1.04 1.63
C GLY A 19 9.08 2.24 0.86
N ALA A 20 9.36 2.04 -0.43
CA ALA A 20 9.85 3.12 -1.28
C ALA A 20 9.05 3.19 -2.58
N ARG A 21 9.63 3.85 -3.58
CA ARG A 21 8.97 4.00 -4.88
C ARG A 21 8.77 2.64 -5.54
N CYS A 22 7.55 2.38 -6.00
CA CYS A 22 7.23 1.13 -6.66
C CYS A 22 8.17 0.87 -7.84
N GLU A 23 8.26 -0.40 -8.24
CA GLU A 23 9.13 -0.76 -9.35
C GLU A 23 8.55 -0.28 -10.68
N SER A 24 9.43 -0.14 -11.68
CA SER A 24 9.00 0.32 -12.99
C SER A 24 7.88 -0.56 -13.55
N GLY A 25 6.66 -0.27 -13.14
CA GLY A 25 5.52 -1.04 -13.61
C GLY A 25 4.33 -0.94 -12.66
N PHE A 26 4.61 -0.81 -11.37
CA PHE A 26 3.55 -0.70 -10.38
C PHE A 26 3.25 0.76 -10.05
N HIS A 27 2.26 0.99 -9.19
CA HIS A 27 1.88 2.33 -8.80
C HIS A 27 1.64 2.41 -7.29
N ASP A 28 2.24 3.42 -6.65
CA ASP A 28 2.09 3.61 -5.22
C ASP A 28 0.64 3.89 -4.86
N CYS A 29 0.01 2.94 -4.18
CA CYS A 29 -1.38 3.08 -3.77
C CYS A 29 -1.50 3.15 -2.25
N GLY A 30 -0.44 3.60 -1.60
CA GLY A 30 -0.45 3.71 -0.15
C GLY A 30 -1.63 4.50 0.37
N SER A 31 -2.30 5.21 -0.53
CA SER A 31 -3.46 6.02 -0.16
C SER A 31 -4.36 5.26 0.82
N ASP A 32 -5.09 4.29 0.30
CA ASP A 32 -6.00 3.49 1.12
C ASP A 32 -5.45 2.08 1.30
N HIS A 33 -4.13 1.96 1.32
CA HIS A 33 -3.48 0.67 1.50
C HIS A 33 -2.17 0.81 2.27
N TRP A 34 -2.11 0.20 3.45
CA TRP A 34 -0.91 0.27 4.28
C TRP A 34 -0.32 -1.11 4.50
N CYS A 35 0.91 -1.16 4.99
CA CYS A 35 1.59 -2.42 5.25
C CYS A 35 1.54 -2.79 6.73
N ASP A 36 2.00 -3.99 7.05
CA ASP A 36 2.01 -4.45 8.43
C ASP A 36 2.66 -3.43 9.35
N ALA A 37 3.72 -2.79 8.87
CA ALA A 37 4.43 -1.79 9.65
C ALA A 37 3.92 -0.39 9.33
N SER A 38 3.46 0.32 10.35
CA SER A 38 2.93 1.68 10.17
C SER A 38 4.00 2.59 9.56
N GLY A 39 4.18 2.48 8.24
CA GLY A 39 5.17 3.30 7.56
C GLY A 39 5.41 2.85 6.13
N ASP A 40 5.10 1.59 5.85
CA ASP A 40 5.28 1.04 4.51
C ASP A 40 4.02 1.23 3.66
N ARG A 41 4.21 1.74 2.45
CA ARG A 41 3.09 1.98 1.55
C ARG A 41 2.92 0.81 0.58
N CYS A 42 1.67 0.36 0.44
CA CYS A 42 1.37 -0.76 -0.45
C CYS A 42 1.30 -0.28 -1.90
N CYS A 43 2.05 -0.95 -2.78
CA CYS A 43 2.06 -0.61 -4.19
C CYS A 43 1.19 -1.57 -4.99
N CYS A 44 0.39 -1.01 -5.89
CA CYS A 44 -0.50 -1.82 -6.73
C CYS A 44 -0.02 -1.82 -8.17
N ALA A 45 0.03 -3.01 -8.76
CA ALA A 45 0.47 -3.16 -10.15
C ALA A 45 -0.64 -2.79 -11.12
#